data_6J5Y
#
_entry.id   6J5Y
#
_cell.length_a   58.090
_cell.length_b   61.029
_cell.length_c   104.646
_cell.angle_alpha   90.000
_cell.angle_beta   90.000
_cell.angle_gamma   90.000
#
_symmetry.space_group_name_H-M   'C 2 2 21'
#
loop_
_entity.id
_entity.type
_entity.pdbx_description
1 polymer 'FAA hydrolase family protein'
2 non-polymer 'PYRUVIC ACID'
3 non-polymer 'MANGANESE (II) ION'
4 water water
#
_entity_poly.entity_id   1
_entity_poly.type   'polypeptide(L)'
_entity_poly.pdbx_seq_one_letter_code
;NHLFAPEAPVSLTIHGSDQTFPVRRVYCVGRNYAAHAREMGFDPEREPPFFFCKPADAVVPVAAGSTLELAYPSQTGNYH
YEIELVAAIGKGGCDIPLEQAEEHVWGYAVGLDMTRRDLQMRMREMGRPWEIGKAFDRSAPIGPLYPASQVGHPRHAAIS
LQVDGEDRQRSDIDQLIWSVAETVSYLSRFFELRPGDLVFTGTPEGVGAVERGERMLGAIDGLGELSVRVVLEHHHHHH
;
_entity_poly.pdbx_strand_id   A
#
loop_
_chem_comp.id
_chem_comp.type
_chem_comp.name
_chem_comp.formula
MN non-polymer 'MANGANESE (II) ION' 'Mn 2'
PYR non-polymer 'PYRUVIC ACID' 'C3 H4 O3'
#
# COMPACT_ATOMS: atom_id res chain seq x y z
N ASN A 1 -14.35 -27.23 12.76
CA ASN A 1 -15.62 -27.13 13.54
C ASN A 1 -15.65 -25.82 14.33
N HIS A 2 -15.77 -24.69 13.64
CA HIS A 2 -15.73 -23.33 14.26
C HIS A 2 -16.93 -23.13 15.19
N LEU A 3 -16.70 -22.43 16.29
CA LEU A 3 -17.79 -21.99 17.19
C LEU A 3 -18.73 -21.09 16.38
N PHE A 4 -18.19 -20.22 15.53
CA PHE A 4 -18.93 -19.27 14.66
C PHE A 4 -18.11 -19.05 13.38
N ALA A 5 -18.79 -18.63 12.30
CA ALA A 5 -18.22 -18.48 10.96
C ALA A 5 -17.12 -17.42 11.04
N PRO A 6 -15.88 -17.74 10.64
CA PRO A 6 -14.84 -16.73 10.55
C PRO A 6 -15.24 -15.69 9.50
N GLU A 7 -14.68 -14.50 9.66
CA GLU A 7 -14.57 -13.50 8.59
C GLU A 7 -14.01 -14.18 7.33
N ALA A 8 -14.65 -14.05 6.18
CA ALA A 8 -14.09 -14.56 4.91
C ALA A 8 -12.80 -13.80 4.63
N PRO A 9 -11.80 -14.42 4.00
CA PRO A 9 -10.56 -13.71 3.67
C PRO A 9 -10.86 -12.58 2.70
N VAL A 10 -10.26 -11.42 2.88
CA VAL A 10 -10.30 -10.31 1.88
C VAL A 10 -9.65 -10.85 0.61
N SER A 11 -10.33 -10.71 -0.51
CA SER A 11 -9.83 -11.24 -1.80
C SER A 11 -9.88 -10.14 -2.85
N LEU A 12 -8.74 -9.89 -3.47
CA LEU A 12 -8.57 -8.82 -4.48
C LEU A 12 -9.26 -9.29 -5.74
N THR A 13 -9.90 -8.38 -6.48
CA THR A 13 -10.34 -8.67 -7.87
C THR A 13 -9.06 -8.72 -8.71
N ILE A 14 -9.06 -9.59 -9.71
CA ILE A 14 -7.92 -9.84 -10.63
C ILE A 14 -8.37 -9.34 -12.01
N HIS A 15 -7.62 -8.39 -12.55
CA HIS A 15 -7.98 -7.65 -13.79
C HIS A 15 -8.26 -8.69 -14.87
N GLY A 16 -9.45 -8.66 -15.47
CA GLY A 16 -9.83 -9.49 -16.63
C GLY A 16 -10.12 -10.95 -16.24
N SER A 17 -10.43 -11.23 -14.97
CA SER A 17 -10.64 -12.60 -14.44
C SER A 17 -11.83 -12.63 -13.50
N ASP A 18 -12.46 -13.80 -13.34
CA ASP A 18 -13.55 -14.03 -12.35
C ASP A 18 -12.96 -14.52 -11.02
N GLN A 19 -11.69 -14.93 -11.03
CA GLN A 19 -10.97 -15.42 -9.81
C GLN A 19 -10.49 -14.23 -8.97
N THR A 20 -10.41 -14.42 -7.66
CA THR A 20 -9.94 -13.41 -6.69
C THR A 20 -8.65 -13.87 -6.01
N PHE A 21 -7.87 -12.94 -5.49
CA PHE A 21 -6.56 -13.18 -4.84
C PHE A 21 -6.74 -13.02 -3.33
N PRO A 22 -6.78 -14.11 -2.56
CA PRO A 22 -7.01 -14.05 -1.10
C PRO A 22 -5.80 -13.46 -0.36
N VAL A 23 -6.04 -12.43 0.43
CA VAL A 23 -4.95 -11.72 1.16
C VAL A 23 -4.56 -12.42 2.45
N ARG A 24 -3.26 -12.54 2.68
CA ARG A 24 -2.72 -13.16 3.89
C ARG A 24 -2.19 -12.09 4.86
N ARG A 25 -0.97 -11.61 4.68
CA ARG A 25 -0.46 -10.54 5.57
C ARG A 25 -0.29 -9.27 4.73
N VAL A 26 -0.25 -8.11 5.38
CA VAL A 26 -0.08 -6.85 4.63
C VAL A 26 1.14 -6.13 5.18
N TYR A 27 2.18 -6.10 4.36
CA TYR A 27 3.46 -5.49 4.73
C TYR A 27 3.49 -4.14 4.04
N CYS A 28 4.10 -3.16 4.70
CA CYS A 28 4.19 -1.79 4.19
C CYS A 28 5.64 -1.35 4.38
N VAL A 29 6.18 -0.66 3.37
CA VAL A 29 7.54 -0.07 3.46
C VAL A 29 7.38 1.42 3.75
N GLY A 30 8.04 1.90 4.79
CA GLY A 30 8.05 3.32 5.17
C GLY A 30 9.31 4.01 4.67
N ARG A 31 9.15 5.25 4.22
CA ARG A 31 10.23 6.16 3.74
C ARG A 31 11.00 5.49 2.61
N ASN A 32 10.30 5.05 1.55
CA ASN A 32 10.96 4.33 0.44
C ASN A 32 11.11 5.21 -0.80
N TYR A 33 10.87 6.51 -0.69
CA TYR A 33 11.14 7.50 -1.77
C TYR A 33 11.93 8.62 -1.11
N ALA A 34 13.12 8.94 -1.62
CA ALA A 34 14.05 9.92 -1.01
C ALA A 34 13.31 11.24 -0.80
N ALA A 35 12.56 11.72 -1.80
CA ALA A 35 11.85 13.02 -1.77
C ALA A 35 10.84 13.00 -0.62
N HIS A 36 10.10 11.90 -0.42
CA HIS A 36 9.13 11.76 0.70
C HIS A 36 9.85 11.74 2.06
N ALA A 37 10.93 10.96 2.20
CA ALA A 37 11.77 10.92 3.43
C ALA A 37 12.16 12.35 3.83
N ARG A 38 12.68 13.14 2.87
CA ARG A 38 13.15 14.53 3.08
C ARG A 38 11.97 15.41 3.53
N GLU A 39 10.80 15.32 2.89
CA GLU A 39 9.63 16.18 3.24
C GLU A 39 9.15 15.85 4.66
N MET A 40 9.40 14.63 5.16
CA MET A 40 8.98 14.21 6.52
C MET A 40 10.08 14.56 7.54
N GLY A 41 11.20 15.12 7.07
CA GLY A 41 12.30 15.63 7.91
C GLY A 41 13.38 14.59 8.16
N PHE A 42 13.45 13.55 7.33
CA PHE A 42 14.43 12.43 7.50
C PHE A 42 15.48 12.48 6.38
N ASP A 43 16.61 11.81 6.61
CA ASP A 43 17.77 11.78 5.69
C ASP A 43 17.84 10.41 5.05
N PRO A 44 17.43 10.27 3.78
CA PRO A 44 17.32 8.95 3.16
C PRO A 44 18.69 8.35 2.83
N GLU A 45 19.73 9.16 2.99
CA GLU A 45 21.09 8.66 2.69
C GLU A 45 21.70 8.02 3.93
N ARG A 46 21.20 8.34 5.12
CA ARG A 46 21.81 7.85 6.38
C ARG A 46 20.87 6.92 7.16
N GLU A 47 19.63 6.81 6.74
CA GLU A 47 18.73 5.89 7.47
C GLU A 47 17.98 5.08 6.41
N PRO A 48 17.84 3.76 6.52
CA PRO A 48 17.16 3.05 5.48
C PRO A 48 15.63 3.03 5.63
N PRO A 49 14.92 2.52 4.62
CA PRO A 49 13.50 2.21 4.78
C PRO A 49 13.22 1.23 5.93
N PHE A 50 11.95 0.99 6.24
CA PHE A 50 11.51 0.16 7.40
C PHE A 50 10.15 -0.47 7.08
N PHE A 51 9.77 -1.41 7.93
CA PHE A 51 8.60 -2.29 7.68
C PHE A 51 7.57 -2.11 8.78
N PHE A 52 6.30 -2.07 8.39
CA PHE A 52 5.16 -2.20 9.33
C PHE A 52 4.07 -3.01 8.61
N CYS A 53 2.96 -3.22 9.31
CA CYS A 53 1.88 -4.12 8.88
C CYS A 53 0.52 -3.48 9.13
N LYS A 54 -0.43 -3.97 8.36
CA LYS A 54 -1.87 -3.75 8.55
C LYS A 54 -2.50 -5.12 8.54
N PRO A 55 -3.66 -5.28 9.19
CA PRO A 55 -4.42 -6.52 9.04
C PRO A 55 -4.98 -6.66 7.61
N ALA A 56 -5.05 -7.89 7.12
CA ALA A 56 -5.68 -8.26 5.85
C ALA A 56 -7.01 -7.50 5.75
N ASP A 57 -7.78 -7.44 6.84
CA ASP A 57 -9.18 -6.94 6.79
C ASP A 57 -9.24 -5.41 6.83
N ALA A 58 -8.10 -4.72 6.85
CA ALA A 58 -7.98 -3.28 6.55
C ALA A 58 -7.96 -3.07 5.04
N VAL A 59 -7.70 -4.14 4.25
CA VAL A 59 -7.64 -4.04 2.76
C VAL A 59 -9.06 -3.98 2.20
N VAL A 60 -9.36 -2.96 1.39
CA VAL A 60 -10.72 -2.82 0.78
C VAL A 60 -10.59 -2.70 -0.73
N PRO A 61 -10.88 -3.83 -1.43
CA PRO A 61 -10.87 -3.89 -2.89
C PRO A 61 -11.82 -2.88 -3.51
N VAL A 62 -11.36 -2.13 -4.51
CA VAL A 62 -12.18 -1.13 -5.25
C VAL A 62 -12.19 -1.56 -6.71
N ALA A 63 -13.35 -1.86 -7.29
CA ALA A 63 -13.46 -2.30 -8.69
C ALA A 63 -13.07 -1.12 -9.60
N ALA A 64 -12.51 -1.40 -10.78
CA ALA A 64 -12.26 -0.38 -11.83
C ALA A 64 -13.60 0.22 -12.25
N GLY A 65 -13.70 1.55 -12.26
CA GLY A 65 -14.93 2.27 -12.65
C GLY A 65 -15.86 2.52 -11.46
N SER A 66 -15.43 2.14 -10.26
CA SER A 66 -16.19 2.31 -8.99
C SER A 66 -15.45 3.33 -8.12
N THR A 67 -16.16 3.91 -7.16
CA THR A 67 -15.58 4.84 -6.15
C THR A 67 -15.88 4.29 -4.77
N LEU A 68 -14.85 4.13 -3.94
CA LEU A 68 -15.03 3.66 -2.55
C LEU A 68 -15.48 4.84 -1.72
N GLU A 69 -16.56 4.64 -0.97
CA GLU A 69 -17.10 5.64 -0.01
C GLU A 69 -16.44 5.32 1.31
N LEU A 70 -15.43 6.10 1.68
CA LEU A 70 -14.53 5.79 2.82
C LEU A 70 -14.81 6.73 3.98
N ALA A 71 -15.32 6.19 5.10
CA ALA A 71 -15.75 6.95 6.28
C ALA A 71 -14.51 7.57 6.93
N TYR A 72 -14.54 8.87 7.20
CA TYR A 72 -13.44 9.52 7.93
C TYR A 72 -13.22 8.74 9.22
N PRO A 73 -11.98 8.36 9.59
CA PRO A 73 -11.78 7.50 10.76
C PRO A 73 -11.93 8.21 12.12
N SER A 74 -12.03 7.41 13.18
CA SER A 74 -12.14 7.89 14.59
C SER A 74 -10.77 8.37 15.08
N GLN A 75 -10.77 9.24 16.10
CA GLN A 75 -9.59 9.59 16.89
C GLN A 75 -8.52 10.22 15.99
N THR A 76 -8.90 11.00 14.98
CA THR A 76 -7.92 11.78 14.16
C THR A 76 -8.49 13.13 13.75
N GLY A 77 -7.61 14.13 13.71
CA GLY A 77 -7.86 15.38 12.99
C GLY A 77 -7.03 15.46 11.72
N ASN A 78 -6.17 14.49 11.41
CA ASN A 78 -5.11 14.64 10.36
C ASN A 78 -5.00 13.34 9.60
N TYR A 79 -5.89 13.15 8.64
CA TYR A 79 -6.12 11.87 7.93
C TYR A 79 -5.46 12.00 6.56
N HIS A 80 -4.36 11.26 6.34
CA HIS A 80 -3.48 11.36 5.15
C HIS A 80 -3.73 10.25 4.13
N TYR A 81 -3.77 10.65 2.87
CA TYR A 81 -3.64 9.75 1.69
C TYR A 81 -2.15 9.47 1.51
N GLU A 82 -1.84 8.30 0.95
CA GLU A 82 -0.49 7.93 0.45
C GLU A 82 -0.65 6.94 -0.71
N ILE A 83 -0.38 7.34 -1.98
CA ILE A 83 -0.50 6.40 -3.14
C ILE A 83 0.72 5.46 -3.12
N GLU A 84 0.54 4.18 -3.45
CA GLU A 84 1.64 3.18 -3.37
C GLU A 84 1.42 2.08 -4.42
N LEU A 85 2.52 1.65 -5.05
CA LEU A 85 2.57 0.36 -5.78
C LEU A 85 2.48 -0.79 -4.76
N VAL A 86 1.54 -1.69 -5.01
CA VAL A 86 1.36 -2.93 -4.23
C VAL A 86 1.80 -4.08 -5.10
N ALA A 87 2.68 -4.89 -4.53
CA ALA A 87 3.13 -6.19 -5.07
C ALA A 87 2.42 -7.30 -4.30
N ALA A 88 1.84 -8.27 -5.00
CA ALA A 88 1.20 -9.45 -4.42
C ALA A 88 2.12 -10.67 -4.57
N ILE A 89 2.36 -11.39 -3.46
CA ILE A 89 3.26 -12.57 -3.38
C ILE A 89 2.50 -13.80 -3.88
N GLY A 90 3.04 -14.49 -4.89
CA GLY A 90 2.49 -15.75 -5.41
C GLY A 90 3.27 -16.95 -4.89
N LYS A 91 4.55 -16.76 -4.60
CA LYS A 91 5.47 -17.84 -4.18
C LYS A 91 6.18 -17.38 -2.90
N GLY A 92 6.09 -18.15 -1.83
CA GLY A 92 6.74 -17.79 -0.55
C GLY A 92 8.25 -17.99 -0.52
N GLY A 93 8.84 -17.79 0.66
CA GLY A 93 10.24 -18.20 0.94
C GLY A 93 10.90 -17.30 1.95
N CYS A 94 12.11 -17.67 2.33
CA CYS A 94 12.97 -17.02 3.36
C CYS A 94 14.28 -16.63 2.68
N ASP A 95 14.85 -15.49 3.06
CA ASP A 95 16.18 -15.05 2.56
C ASP A 95 16.25 -15.24 1.05
N ILE A 96 15.27 -14.67 0.33
CA ILE A 96 15.13 -14.82 -1.14
C ILE A 96 16.23 -13.97 -1.80
N PRO A 97 17.09 -14.60 -2.60
CA PRO A 97 18.09 -13.87 -3.38
C PRO A 97 17.49 -12.75 -4.27
N LEU A 98 18.17 -11.62 -4.38
CA LEU A 98 17.73 -10.44 -5.20
C LEU A 98 17.40 -10.88 -6.62
N GLU A 99 18.19 -11.78 -7.19
CA GLU A 99 18.07 -12.21 -8.61
C GLU A 99 16.76 -12.96 -8.89
N GLN A 100 16.13 -13.61 -7.90
CA GLN A 100 14.86 -14.35 -8.15
C GLN A 100 13.67 -13.69 -7.42
N ALA A 101 13.90 -12.56 -6.73
CA ALA A 101 12.92 -11.96 -5.78
C ALA A 101 11.62 -11.60 -6.50
N GLU A 102 11.71 -10.89 -7.63
CA GLU A 102 10.52 -10.48 -8.40
C GLU A 102 9.75 -11.67 -8.93
N GLU A 103 10.41 -12.83 -9.07
CA GLU A 103 9.74 -14.07 -9.52
C GLU A 103 8.71 -14.51 -8.46
N HIS A 104 8.83 -14.03 -7.22
CA HIS A 104 7.87 -14.38 -6.13
C HIS A 104 6.61 -13.49 -6.22
N VAL A 105 6.64 -12.45 -7.06
CA VAL A 105 5.53 -11.47 -7.15
C VAL A 105 4.59 -11.94 -8.26
N TRP A 106 3.40 -12.38 -7.87
CA TRP A 106 2.33 -12.83 -8.79
C TRP A 106 1.71 -11.67 -9.57
N GLY A 107 1.70 -10.46 -8.99
CA GLY A 107 0.94 -9.34 -9.59
C GLY A 107 1.12 -8.04 -8.85
N TYR A 108 0.50 -6.98 -9.37
CA TYR A 108 0.66 -5.57 -8.91
C TYR A 108 -0.70 -4.87 -8.92
N ALA A 109 -0.90 -3.91 -8.01
CA ALA A 109 -2.14 -3.11 -7.94
C ALA A 109 -1.81 -1.71 -7.41
N VAL A 110 -2.71 -0.76 -7.62
CA VAL A 110 -2.64 0.60 -7.02
C VAL A 110 -3.21 0.51 -5.60
N GLY A 111 -2.51 1.07 -4.61
CA GLY A 111 -2.98 1.08 -3.23
C GLY A 111 -2.88 2.44 -2.58
N LEU A 112 -3.64 2.62 -1.50
CA LEU A 112 -3.57 3.79 -0.61
C LEU A 112 -3.25 3.32 0.81
N ASP A 113 -2.17 3.84 1.36
CA ASP A 113 -1.80 3.60 2.77
C ASP A 113 -2.43 4.75 3.57
N MET A 114 -3.72 4.62 3.86
CA MET A 114 -4.46 5.71 4.56
C MET A 114 -3.95 5.75 6.01
N THR A 115 -3.78 6.94 6.57
CA THR A 115 -2.92 7.14 7.76
C THR A 115 -3.59 8.13 8.71
N ARG A 116 -3.75 7.80 10.00
CA ARG A 116 -4.11 8.81 11.04
C ARG A 116 -2.80 9.47 11.41
N ARG A 117 -2.38 10.49 10.65
CA ARG A 117 -1.00 11.07 10.73
C ARG A 117 -0.69 11.61 12.15
N ASP A 118 -1.65 12.31 12.78
CA ASP A 118 -1.51 12.83 14.17
C ASP A 118 -1.13 11.68 15.12
N LEU A 119 -1.86 10.57 15.07
CA LEU A 119 -1.58 9.36 15.90
C LEU A 119 -0.21 8.77 15.53
N GLN A 120 0.06 8.57 14.24
CA GLN A 120 1.34 7.97 13.80
C GLN A 120 2.51 8.82 14.32
N MET A 121 2.40 10.12 14.19
CA MET A 121 3.51 11.05 14.55
C MET A 121 3.65 11.08 16.07
N ARG A 122 2.55 11.01 16.83
CA ARG A 122 2.59 10.92 18.32
C ARG A 122 3.33 9.62 18.75
N MET A 123 3.03 8.48 18.13
CA MET A 123 3.73 7.21 18.47
C MET A 123 5.22 7.32 18.09
N ARG A 124 5.55 7.87 16.93
CA ARG A 124 6.97 8.07 16.54
C ARG A 124 7.71 8.91 17.60
N GLU A 125 7.17 10.05 18.01
CA GLU A 125 7.84 10.93 19.01
C GLU A 125 7.95 10.22 20.37
N MET A 126 7.12 9.22 20.67
CA MET A 126 7.11 8.50 21.99
C MET A 126 7.85 7.16 21.90
N GLY A 127 8.39 6.82 20.72
CA GLY A 127 9.09 5.54 20.48
C GLY A 127 8.15 4.36 20.59
N ARG A 128 6.88 4.57 20.30
CA ARG A 128 5.83 3.54 20.50
C ARG A 128 5.49 2.89 19.15
N PRO A 129 4.82 1.73 19.18
CA PRO A 129 4.39 1.06 17.95
C PRO A 129 3.30 1.93 17.28
N TRP A 130 3.23 1.82 15.95
CA TRP A 130 2.48 2.76 15.10
C TRP A 130 1.06 2.29 14.80
N GLU A 131 0.61 1.17 15.36
CA GLU A 131 -0.62 0.50 14.90
C GLU A 131 -1.84 1.45 14.92
N ILE A 132 -2.02 2.29 15.95
CA ILE A 132 -3.20 3.21 16.01
C ILE A 132 -3.18 4.19 14.82
N GLY A 133 -2.01 4.57 14.31
CA GLY A 133 -1.84 5.44 13.13
C GLY A 133 -1.93 4.72 11.78
N LYS A 134 -1.53 3.44 11.70
CA LYS A 134 -1.32 2.73 10.40
C LYS A 134 -2.20 1.49 10.26
N ALA A 135 -2.64 0.86 11.35
CA ALA A 135 -3.20 -0.50 11.24
C ALA A 135 -4.69 -0.48 11.58
N PHE A 136 -5.39 0.58 11.16
CA PHE A 136 -6.77 0.87 11.60
C PHE A 136 -7.76 0.42 10.51
N ASP A 137 -9.05 0.56 10.82
CA ASP A 137 -10.19 0.03 10.03
C ASP A 137 -10.17 0.67 8.63
N ARG A 138 -10.23 -0.17 7.59
CA ARG A 138 -10.37 0.20 6.17
C ARG A 138 -9.25 1.17 5.80
N SER A 139 -8.03 0.88 6.25
CA SER A 139 -6.85 1.76 6.11
C SER A 139 -6.08 1.43 4.84
N ALA A 140 -6.53 0.46 4.04
CA ALA A 140 -5.79 0.04 2.81
C ALA A 140 -6.73 -0.22 1.64
N PRO A 141 -7.29 0.85 1.02
CA PRO A 141 -7.95 0.70 -0.27
C PRO A 141 -6.97 0.21 -1.34
N ILE A 142 -7.45 -0.61 -2.27
CA ILE A 142 -6.60 -1.19 -3.33
C ILE A 142 -7.46 -1.48 -4.57
N GLY A 143 -6.87 -1.31 -5.77
CA GLY A 143 -7.52 -1.58 -7.05
C GLY A 143 -7.44 -3.06 -7.40
N PRO A 144 -7.98 -3.45 -8.58
CA PRO A 144 -7.78 -4.78 -9.14
C PRO A 144 -6.31 -5.18 -9.25
N LEU A 145 -6.05 -6.47 -9.09
CA LEU A 145 -4.69 -7.04 -9.13
C LEU A 145 -4.33 -7.35 -10.59
N TYR A 146 -3.24 -6.79 -11.11
CA TYR A 146 -2.77 -7.09 -12.49
C TYR A 146 -1.71 -8.18 -12.46
N PRO A 147 -1.95 -9.36 -13.07
CA PRO A 147 -0.92 -10.41 -13.10
C PRO A 147 0.37 -9.98 -13.83
N ALA A 148 1.52 -10.36 -13.28
CA ALA A 148 2.84 -10.20 -13.95
C ALA A 148 2.85 -11.02 -15.25
N SER A 149 1.97 -12.02 -15.38
CA SER A 149 1.76 -12.75 -16.67
C SER A 149 1.25 -11.75 -17.72
N GLN A 150 0.47 -10.74 -17.32
CA GLN A 150 0.02 -9.64 -18.22
C GLN A 150 1.10 -8.56 -18.28
N VAL A 151 1.47 -7.97 -17.14
CA VAL A 151 2.16 -6.64 -17.05
C VAL A 151 3.66 -6.80 -16.77
N GLY A 152 4.15 -8.04 -16.64
CA GLY A 152 5.55 -8.33 -16.29
C GLY A 152 5.93 -7.81 -14.91
N HIS A 153 7.18 -7.41 -14.72
CA HIS A 153 7.67 -6.82 -13.46
C HIS A 153 8.23 -5.44 -13.79
N PRO A 154 7.37 -4.41 -13.76
CA PRO A 154 7.78 -3.07 -14.19
C PRO A 154 8.76 -2.47 -13.18
N ARG A 155 9.82 -1.86 -13.70
CA ARG A 155 10.85 -1.13 -12.91
C ARG A 155 10.69 0.38 -13.10
N HIS A 156 9.97 0.78 -14.15
CA HIS A 156 9.60 2.17 -14.51
C HIS A 156 8.07 2.22 -14.61
N ALA A 157 7.45 3.24 -14.04
CA ALA A 157 5.99 3.51 -14.13
C ALA A 157 5.64 4.78 -13.37
N ALA A 158 4.96 5.74 -14.01
CA ALA A 158 4.47 6.95 -13.31
C ALA A 158 3.44 6.48 -12.28
N ILE A 159 3.50 7.12 -11.12
CA ILE A 159 2.61 6.94 -9.94
C ILE A 159 2.12 8.33 -9.52
N SER A 160 0.82 8.47 -9.38
CA SER A 160 0.18 9.80 -9.23
C SER A 160 -1.05 9.69 -8.32
N LEU A 161 -1.32 10.76 -7.58
CA LEU A 161 -2.52 10.89 -6.74
C LEU A 161 -3.06 12.30 -6.93
N GLN A 162 -4.33 12.40 -7.29
CA GLN A 162 -4.98 13.72 -7.36
C GLN A 162 -6.11 13.74 -6.34
N VAL A 163 -6.32 14.93 -5.76
CA VAL A 163 -7.47 15.17 -4.86
C VAL A 163 -8.29 16.28 -5.50
N ASP A 164 -9.56 16.00 -5.78
CA ASP A 164 -10.52 16.99 -6.34
C ASP A 164 -9.91 17.64 -7.57
N GLY A 165 -9.26 16.83 -8.42
CA GLY A 165 -8.75 17.25 -9.75
C GLY A 165 -7.34 17.84 -9.69
N GLU A 166 -6.78 18.00 -8.49
CA GLU A 166 -5.48 18.69 -8.23
C GLU A 166 -4.41 17.61 -7.99
N ASP A 167 -3.34 17.61 -8.76
CA ASP A 167 -2.22 16.66 -8.55
C ASP A 167 -1.64 16.96 -7.16
N ARG A 168 -1.38 15.91 -6.40
CA ARG A 168 -0.79 15.98 -5.05
C ARG A 168 0.49 15.16 -5.04
N GLN A 169 0.48 13.99 -5.67
CA GLN A 169 1.68 13.13 -5.81
C GLN A 169 1.87 12.74 -7.28
N ARG A 170 3.09 12.88 -7.75
CA ARG A 170 3.53 12.47 -9.11
C ARG A 170 5.01 12.13 -9.03
N SER A 171 5.32 10.85 -9.18
CA SER A 171 6.70 10.32 -9.20
C SER A 171 6.72 9.11 -10.10
N ASP A 172 7.72 8.25 -9.95
CA ASP A 172 7.93 7.02 -10.73
C ASP A 172 8.40 5.91 -9.78
N ILE A 173 7.87 4.71 -9.96
CA ILE A 173 8.26 3.55 -9.10
C ILE A 173 9.77 3.32 -9.20
N ASP A 174 10.45 3.87 -10.20
CA ASP A 174 11.92 3.68 -10.36
C ASP A 174 12.66 4.55 -9.34
N GLN A 175 11.94 5.38 -8.58
CA GLN A 175 12.46 6.23 -7.47
C GLN A 175 12.45 5.46 -6.13
N LEU A 176 11.98 4.21 -6.09
CA LEU A 176 11.96 3.39 -4.85
C LEU A 176 13.40 3.24 -4.37
N ILE A 177 13.67 3.45 -3.09
CA ILE A 177 15.05 3.29 -2.51
C ILE A 177 15.36 1.79 -2.51
N TRP A 178 14.49 0.99 -1.91
CA TRP A 178 14.46 -0.48 -2.11
C TRP A 178 13.42 -0.80 -3.18
N SER A 179 13.88 -1.19 -4.37
CA SER A 179 13.03 -1.69 -5.48
C SER A 179 12.11 -2.81 -4.98
N VAL A 180 11.14 -3.23 -5.78
CA VAL A 180 10.27 -4.39 -5.45
C VAL A 180 11.18 -5.56 -5.05
N ALA A 181 12.21 -5.85 -5.85
CA ALA A 181 13.11 -7.01 -5.70
C ALA A 181 13.84 -6.93 -4.35
N GLU A 182 14.41 -5.78 -4.04
CA GLU A 182 15.07 -5.51 -2.75
C GLU A 182 14.08 -5.66 -1.58
N THR A 183 12.87 -5.09 -1.69
CA THR A 183 11.88 -5.10 -0.57
C THR A 183 11.47 -6.55 -0.30
N VAL A 184 11.25 -7.35 -1.34
CA VAL A 184 10.89 -8.79 -1.17
C VAL A 184 12.05 -9.55 -0.51
N SER A 185 13.28 -9.41 -1.02
CA SER A 185 14.49 -10.02 -0.41
C SER A 185 14.57 -9.59 1.05
N TYR A 186 14.50 -8.30 1.34
CA TYR A 186 14.82 -7.83 2.72
C TYR A 186 13.68 -8.23 3.68
N LEU A 187 12.43 -8.08 3.28
CA LEU A 187 11.27 -8.55 4.08
C LEU A 187 11.47 -10.02 4.43
N SER A 188 11.94 -10.82 3.46
CA SER A 188 12.10 -12.30 3.60
C SER A 188 13.23 -12.66 4.58
N ARG A 189 14.08 -11.72 5.01
CA ARG A 189 15.05 -11.95 6.12
C ARG A 189 14.33 -12.00 7.47
N PHE A 190 13.26 -11.21 7.65
CA PHE A 190 12.54 -11.01 8.93
C PHE A 190 11.31 -11.89 9.11
N PHE A 191 10.70 -12.33 7.98
CA PHE A 191 9.42 -13.10 7.96
C PHE A 191 9.50 -14.10 6.81
N GLU A 192 8.89 -15.27 6.97
CA GLU A 192 8.68 -16.18 5.82
C GLU A 192 7.56 -15.60 4.95
N LEU A 193 7.85 -15.22 3.71
CA LEU A 193 6.78 -14.70 2.84
C LEU A 193 5.96 -15.92 2.37
N ARG A 194 4.68 -15.73 2.17
CA ARG A 194 3.78 -16.83 1.73
C ARG A 194 2.85 -16.28 0.66
N PRO A 195 2.21 -17.17 -0.15
CA PRO A 195 1.26 -16.73 -1.14
C PRO A 195 0.12 -16.00 -0.42
N GLY A 196 -0.34 -14.89 -1.00
CA GLY A 196 -1.41 -14.04 -0.42
C GLY A 196 -0.87 -12.78 0.21
N ASP A 197 0.41 -12.77 0.59
CA ASP A 197 1.03 -11.60 1.26
C ASP A 197 1.01 -10.43 0.28
N LEU A 198 0.76 -9.22 0.78
CA LEU A 198 0.84 -7.98 -0.05
C LEU A 198 1.99 -7.15 0.51
N VAL A 199 2.68 -6.44 -0.38
CA VAL A 199 3.69 -5.43 0.04
C VAL A 199 3.28 -4.09 -0.58
N PHE A 200 2.90 -3.14 0.27
CA PHE A 200 2.79 -1.70 -0.02
C PHE A 200 4.22 -1.14 0.00
N THR A 201 4.73 -0.69 -1.14
CA THR A 201 6.17 -0.40 -1.34
C THR A 201 6.54 1.02 -0.88
N GLY A 202 5.58 1.81 -0.39
CA GLY A 202 5.85 3.16 0.15
C GLY A 202 5.30 4.25 -0.77
N THR A 203 5.31 5.49 -0.29
CA THR A 203 4.65 6.61 -0.98
C THR A 203 5.67 7.70 -1.37
N PRO A 204 5.52 8.27 -2.58
CA PRO A 204 6.36 9.38 -3.01
C PRO A 204 5.97 10.64 -2.23
N GLU A 205 6.67 11.74 -2.49
CA GLU A 205 6.45 13.04 -1.81
C GLU A 205 5.05 13.56 -2.17
N GLY A 206 4.51 14.49 -1.40
CA GLY A 206 3.24 15.16 -1.70
C GLY A 206 2.07 14.62 -0.91
N VAL A 207 2.33 13.81 0.12
CA VAL A 207 1.28 13.32 1.06
C VAL A 207 0.64 14.52 1.75
N GLY A 208 -0.61 14.37 2.18
CA GLY A 208 -1.39 15.45 2.76
C GLY A 208 -2.67 14.94 3.37
N ALA A 209 -3.29 15.83 4.14
CA ALA A 209 -4.60 15.64 4.77
C ALA A 209 -5.68 15.60 3.69
N VAL A 210 -6.75 14.94 4.01
CA VAL A 210 -7.94 14.86 3.15
C VAL A 210 -9.11 15.08 4.11
N GLU A 211 -10.16 15.79 3.68
CA GLU A 211 -11.32 16.11 4.54
C GLU A 211 -12.57 15.44 3.95
N ARG A 212 -13.61 15.30 4.75
CA ARG A 212 -14.86 14.65 4.29
C ARG A 212 -15.38 15.38 3.05
N GLY A 213 -15.85 14.61 2.07
CA GLY A 213 -16.43 15.17 0.83
C GLY A 213 -15.43 15.25 -0.29
N GLU A 214 -14.12 15.24 0.00
CA GLU A 214 -13.05 15.25 -1.02
C GLU A 214 -12.91 13.88 -1.69
N ARG A 215 -12.53 13.90 -2.96
CA ARG A 215 -12.38 12.72 -3.83
C ARG A 215 -10.90 12.58 -4.18
N MET A 216 -10.38 11.36 -4.16
CA MET A 216 -8.97 11.03 -4.50
C MET A 216 -9.00 10.15 -5.76
N LEU A 217 -8.03 10.32 -6.66
CA LEU A 217 -7.81 9.36 -7.77
C LEU A 217 -6.32 9.06 -7.88
N GLY A 218 -5.94 7.83 -7.59
CA GLY A 218 -4.58 7.34 -7.79
C GLY A 218 -4.49 6.58 -9.09
N ALA A 219 -3.30 6.53 -9.67
CA ALA A 219 -3.06 5.73 -10.87
C ALA A 219 -1.59 5.30 -10.89
N ILE A 220 -1.35 4.13 -11.44
CA ILE A 220 0.01 3.71 -11.86
C ILE A 220 -0.08 3.20 -13.30
N ASP A 221 0.88 3.60 -14.13
CA ASP A 221 0.99 3.15 -15.55
C ASP A 221 0.81 1.64 -15.64
N GLY A 222 -0.08 1.19 -16.53
CA GLY A 222 -0.35 -0.23 -16.76
C GLY A 222 -1.28 -0.81 -15.70
N LEU A 223 -1.55 -0.10 -14.59
CA LEU A 223 -2.26 -0.68 -13.40
C LEU A 223 -3.59 0.04 -13.17
N GLY A 224 -4.06 0.85 -14.11
CA GLY A 224 -5.32 1.60 -14.00
C GLY A 224 -5.32 2.52 -12.79
N GLU A 225 -6.49 2.69 -12.20
CA GLU A 225 -6.82 3.82 -11.31
C GLU A 225 -7.49 3.31 -10.03
N LEU A 226 -7.51 4.15 -9.00
CA LEU A 226 -8.14 3.86 -7.70
C LEU A 226 -8.90 5.10 -7.26
N SER A 227 -10.23 5.08 -7.30
CA SER A 227 -11.12 6.21 -6.91
C SER A 227 -11.69 6.02 -5.50
N VAL A 228 -11.44 6.98 -4.61
CA VAL A 228 -11.92 6.92 -3.20
C VAL A 228 -12.47 8.30 -2.85
N ARG A 229 -13.67 8.36 -2.29
CA ARG A 229 -14.24 9.60 -1.72
C ARG A 229 -14.36 9.40 -0.21
N VAL A 230 -13.90 10.41 0.54
CA VAL A 230 -13.99 10.46 2.01
C VAL A 230 -15.38 10.97 2.41
N VAL A 231 -16.11 10.23 3.24
CA VAL A 231 -17.49 10.56 3.72
C VAL A 231 -17.46 10.74 5.25
N LEU A 232 -18.62 10.92 5.87
CA LEU A 232 -18.76 11.19 7.34
C LEU A 232 -18.24 10.02 8.16
N GLU A 233 -17.87 10.26 9.42
CA GLU A 233 -17.60 9.15 10.38
C GLU A 233 -18.94 8.58 10.84
C PYR B . 5.52 5.65 3.80
O PYR B . 4.86 5.16 2.86
OXT PYR B . 6.59 6.29 3.62
CA PYR B . 5.07 5.40 5.00
O3 PYR B . 4.08 4.69 5.12
CB PYR B . 5.69 5.90 6.28
MN MN C . 2.97 4.26 3.25
#